data_6EAX
#
_entry.id   6EAX
#
_cell.length_a   61.585
_cell.length_b   63.544
_cell.length_c   68.754
_cell.angle_alpha   90.00
_cell.angle_beta   90.00
_cell.angle_gamma   90.00
#
_symmetry.space_group_name_H-M   'P 21 21 21'
#
loop_
_entity.id
_entity.type
_entity.pdbx_description
1 polymer 'Cationic trypsin'
2 polymer CYS-THR-LYS-SER-ILE-CYS
3 non-polymer 'CALCIUM ION'
4 non-polymer N-carboxy-L-cysteine
5 water water
#
loop_
_entity_poly.entity_id
_entity_poly.type
_entity_poly.pdbx_seq_one_letter_code
_entity_poly.pdbx_strand_id
1 'polypeptide(L)'
;IVGGYTCGANTVPYQVSLNSGYHFCGGSLINSQWVVSAAHCYKSGIQVRLGEDNINVVEGNEQFISASKSIVHPSYNSNT
LNNDIMLIKLKSAASLNSRVASISLPTSCASAGTQCLISGWGNTKSSGTSYPDVLKCLKAPILSDSSCKSAYPGQITSNM
FCAGYLEGGKDSCQGDSGGPVVCSGKLQGIVSWGSGCAQKNKPGVYTKVCNYVSWIKQTIASN
;
A
2 'polypeptide(L)' CTKSIC I
#
# COMPACT_ATOMS: atom_id res chain seq x y z
N ILE A 1 8.80 -6.36 2.47
CA ILE A 1 8.62 -7.38 1.41
C ILE A 1 9.58 -8.52 1.66
N VAL A 2 9.03 -9.72 1.81
CA VAL A 2 9.81 -10.95 1.98
C VAL A 2 9.84 -11.68 0.64
N GLY A 3 11.03 -12.11 0.23
CA GLY A 3 11.15 -12.91 -0.98
C GLY A 3 11.06 -12.12 -2.26
N GLY A 4 11.22 -10.80 -2.19
CA GLY A 4 11.18 -9.93 -3.33
C GLY A 4 12.57 -9.58 -3.84
N TYR A 5 12.62 -8.50 -4.60
CA TYR A 5 13.86 -8.07 -5.24
C TYR A 5 13.96 -6.55 -5.14
N THR A 6 15.16 -6.03 -5.25
CA THR A 6 15.37 -4.60 -5.29
C THR A 6 14.71 -4.01 -6.53
N CYS A 7 13.78 -3.07 -6.34
CA CYS A 7 13.02 -2.57 -7.48
C CYS A 7 13.94 -1.89 -8.49
N GLY A 8 14.87 -1.10 -8.00
CA GLY A 8 15.62 -0.17 -8.83
C GLY A 8 15.12 1.23 -8.52
N ALA A 9 16.04 2.17 -8.36
CA ALA A 9 15.71 3.52 -7.95
C ALA A 9 14.64 4.13 -8.83
N ASN A 10 13.55 4.55 -8.20
CA ASN A 10 12.49 5.32 -8.84
C ASN A 10 11.75 4.56 -9.92
N THR A 11 11.86 3.24 -9.94
CA THR A 11 11.10 2.44 -10.90
C THR A 11 9.64 2.28 -10.50
N VAL A 12 9.26 2.69 -9.30
CA VAL A 12 7.89 2.62 -8.80
C VAL A 12 7.55 4.06 -8.39
N PRO A 13 7.31 4.95 -9.35
CA PRO A 13 7.35 6.38 -9.02
C PRO A 13 6.14 6.88 -8.28
N TYR A 14 5.11 6.06 -8.15
CA TYR A 14 3.93 6.34 -7.35
C TYR A 14 4.08 5.89 -5.90
N GLN A 15 5.12 5.17 -5.56
CA GLN A 15 5.31 4.70 -4.20
C GLN A 15 5.79 5.83 -3.32
N VAL A 16 5.12 6.04 -2.20
CA VAL A 16 5.57 7.00 -1.22
C VAL A 16 5.85 6.28 0.10
N SER A 17 6.66 6.94 0.92
CA SER A 17 6.91 6.56 2.31
C SER A 17 6.20 7.56 3.21
N LEU A 18 5.48 7.06 4.21
CA LEU A 18 4.90 7.89 5.26
C LEU A 18 5.85 7.88 6.44
N ASN A 19 6.28 9.06 6.86
CA ASN A 19 7.37 9.24 7.81
C ASN A 19 6.92 10.08 8.99
N SER A 20 7.15 9.57 10.18
CA SER A 20 6.88 10.27 11.43
C SER A 20 8.13 10.30 12.27
N GLY A 21 9.24 10.74 11.67
CA GLY A 21 10.57 10.58 12.24
C GLY A 21 11.14 9.20 12.03
N TYR A 22 10.49 8.39 11.20
CA TYR A 22 10.88 7.06 10.78
C TYR A 22 9.83 6.62 9.77
N HIS A 23 10.20 5.68 8.91
CA HIS A 23 9.24 5.11 7.96
C HIS A 23 8.29 4.18 8.71
N PHE A 24 6.99 4.38 8.55
CA PHE A 24 6.03 3.54 9.26
C PHE A 24 4.99 2.90 8.36
N CYS A 25 4.78 3.39 7.16
CA CYS A 25 3.80 2.86 6.23
C CYS A 25 4.16 3.35 4.85
N GLY A 26 3.62 2.67 3.84
CA GLY A 26 3.68 3.14 2.48
C GLY A 26 2.40 3.86 2.06
N GLY A 27 2.38 4.29 0.82
CA GLY A 27 1.20 4.86 0.20
C GLY A 27 1.43 4.95 -1.28
N SER A 28 0.40 5.39 -2.00
CA SER A 28 0.44 5.50 -3.46
C SER A 28 -0.05 6.88 -3.89
N LEU A 29 0.74 7.58 -4.70
CA LEU A 29 0.33 8.88 -5.22
C LEU A 29 -0.72 8.69 -6.31
N ILE A 30 -1.88 9.33 -6.17
CA ILE A 30 -2.94 9.20 -7.16
C ILE A 30 -3.22 10.48 -7.91
N ASN A 31 -2.75 11.62 -7.43
CA ASN A 31 -2.67 12.84 -8.21
C ASN A 31 -1.65 13.71 -7.51
N SER A 32 -1.41 14.91 -8.02
CA SER A 32 -0.31 15.68 -7.45
C SER A 32 -0.54 16.07 -6.02
N GLN A 33 -1.78 15.99 -5.49
CA GLN A 33 -2.05 16.45 -4.14
CA GLN A 33 -2.02 16.45 -4.12
C GLN A 33 -2.60 15.37 -3.20
N TRP A 34 -2.74 14.13 -3.65
CA TRP A 34 -3.43 13.09 -2.89
C TRP A 34 -2.73 11.74 -2.95
N VAL A 35 -2.67 11.10 -1.78
CA VAL A 35 -2.09 9.77 -1.58
C VAL A 35 -3.15 8.84 -1.02
N VAL A 36 -3.14 7.60 -1.48
CA VAL A 36 -3.97 6.53 -0.92
C VAL A 36 -3.09 5.70 -0.01
N SER A 37 -3.58 5.40 1.19
CA SER A 37 -2.89 4.52 2.11
C SER A 37 -3.92 3.71 2.87
N ALA A 38 -3.48 3.02 3.92
CA ALA A 38 -4.40 2.22 4.73
C ALA A 38 -4.90 3.03 5.92
N ALA A 39 -6.17 2.82 6.30
CA ALA A 39 -6.70 3.50 7.48
C ALA A 39 -5.90 3.19 8.71
N HIS A 40 -5.41 1.96 8.89
CA HIS A 40 -4.68 1.65 10.11
C HIS A 40 -3.34 2.36 10.20
N CYS A 41 -2.91 3.02 9.13
CA CYS A 41 -1.73 3.86 9.17
C CYS A 41 -2.01 5.27 9.70
N TYR A 42 -3.27 5.63 10.01
CA TYR A 42 -3.57 6.97 10.47
C TYR A 42 -2.82 7.30 11.74
N LYS A 43 -2.30 8.52 11.79
CA LYS A 43 -1.74 9.13 12.99
C LYS A 43 -1.53 10.60 12.66
N SER A 44 -1.24 11.38 13.69
CA SER A 44 -0.78 12.74 13.46
CA SER A 44 -0.77 12.75 13.49
C SER A 44 0.69 12.77 13.04
N GLY A 45 1.11 13.91 12.52
CA GLY A 45 2.52 14.10 12.24
C GLY A 45 3.01 13.36 11.03
N ILE A 46 2.17 13.17 10.00
CA ILE A 46 2.62 12.45 8.80
C ILE A 46 3.34 13.38 7.85
N GLN A 47 4.57 13.03 7.49
CA GLN A 47 5.28 13.63 6.37
C GLN A 47 5.33 12.62 5.24
N VAL A 48 4.88 13.03 4.05
CA VAL A 48 4.92 12.16 2.87
C VAL A 48 6.24 12.38 2.16
N ARG A 49 6.93 11.29 1.85
CA ARG A 49 8.23 11.34 1.18
C ARG A 49 8.08 10.67 -0.17
N LEU A 50 8.21 11.49 -1.21
CA LEU A 50 8.05 11.10 -2.60
C LEU A 50 9.42 11.03 -3.25
N GLY A 51 9.54 10.25 -4.34
CA GLY A 51 10.81 10.18 -5.05
C GLY A 51 11.86 9.37 -4.35
N GLU A 52 11.51 8.60 -3.32
CA GLU A 52 12.49 7.90 -2.51
C GLU A 52 12.95 6.59 -3.13
N ASP A 53 14.24 6.29 -2.90
CA ASP A 53 14.73 4.91 -3.06
C ASP A 53 15.35 4.48 -1.73
N ASN A 54 16.57 4.94 -1.43
CA ASN A 54 17.15 4.73 -0.12
C ASN A 54 16.48 5.69 0.86
N ILE A 55 15.65 5.16 1.76
CA ILE A 55 14.94 6.05 2.68
C ILE A 55 15.80 6.57 3.81
N ASN A 56 17.07 6.16 3.90
CA ASN A 56 17.95 6.60 4.96
C ASN A 56 19.02 7.55 4.48
N VAL A 57 19.03 7.89 3.19
CA VAL A 57 20.04 8.75 2.58
C VAL A 57 19.32 9.71 1.65
N VAL A 58 19.73 10.99 1.70
CA VAL A 58 19.26 11.98 0.74
C VAL A 58 20.08 11.82 -0.54
N GLU A 59 19.46 11.27 -1.59
CA GLU A 59 20.15 10.90 -2.82
C GLU A 59 19.90 11.86 -3.96
N GLY A 60 18.89 12.69 -3.84
CA GLY A 60 18.41 13.45 -4.98
C GLY A 60 17.03 12.97 -5.37
N ASN A 61 16.25 13.90 -5.89
CA ASN A 61 14.88 13.68 -6.40
C ASN A 61 13.83 13.40 -5.34
N GLU A 62 14.16 13.53 -4.06
CA GLU A 62 13.15 13.45 -3.00
C GLU A 62 12.30 14.73 -2.96
N GLN A 63 11.04 14.56 -2.59
CA GLN A 63 10.18 15.65 -2.14
C GLN A 63 9.53 15.23 -0.84
N PHE A 64 9.72 16.03 0.20
CA PHE A 64 9.09 15.81 1.49
C PHE A 64 7.98 16.84 1.62
N ILE A 65 6.74 16.38 1.84
CA ILE A 65 5.60 17.28 1.93
C ILE A 65 4.73 16.81 3.08
N SER A 66 4.41 17.72 4.00
CA SER A 66 3.54 17.36 5.11
C SER A 66 2.14 17.05 4.63
N ALA A 67 1.50 16.11 5.32
CA ALA A 67 0.08 15.90 5.12
C ALA A 67 -0.68 17.10 5.67
N SER A 68 -1.66 17.57 4.94
CA SER A 68 -2.55 18.59 5.49
C SER A 68 -3.90 18.01 5.89
N LYS A 69 -4.31 16.89 5.32
CA LYS A 69 -5.53 16.19 5.68
C LYS A 69 -5.21 14.71 5.66
N SER A 70 -5.72 13.97 6.63
CA SER A 70 -5.62 12.52 6.67
C SER A 70 -7.02 11.99 6.96
N ILE A 71 -7.65 11.40 5.95
CA ILE A 71 -9.07 11.10 5.95
C ILE A 71 -9.25 9.58 5.90
N VAL A 72 -9.54 8.99 7.07
CA VAL A 72 -9.85 7.57 7.17
C VAL A 72 -11.26 7.32 6.65
N HIS A 73 -11.49 6.18 6.04
CA HIS A 73 -12.84 5.83 5.63
C HIS A 73 -13.76 5.88 6.86
N PRO A 74 -14.92 6.54 6.77
CA PRO A 74 -15.76 6.64 7.96
C PRO A 74 -16.19 5.31 8.52
N SER A 75 -16.24 4.28 7.69
CA SER A 75 -16.68 2.96 8.11
C SER A 75 -15.51 2.01 8.37
N TYR A 76 -14.30 2.54 8.48
CA TYR A 76 -13.17 1.70 8.87
C TYR A 76 -13.42 1.08 10.23
N ASN A 77 -13.19 -0.22 10.34
CA ASN A 77 -13.34 -0.93 11.59
C ASN A 77 -11.99 -1.50 11.97
N SER A 78 -11.44 -1.03 13.09
CA SER A 78 -10.09 -1.42 13.45
C SER A 78 -9.98 -2.85 13.95
N ASN A 79 -11.08 -3.50 14.27
CA ASN A 79 -11.05 -4.91 14.66
C ASN A 79 -11.10 -5.84 13.46
N THR A 80 -12.05 -5.62 12.55
CA THR A 80 -12.15 -6.47 11.36
C THR A 80 -11.27 -6.02 10.22
N LEU A 81 -10.79 -4.78 10.24
CA LEU A 81 -10.03 -4.16 9.17
C LEU A 81 -10.84 -3.95 7.90
N ASN A 82 -12.17 -4.05 7.99
CA ASN A 82 -13.01 -3.68 6.87
C ASN A 82 -12.86 -2.19 6.57
N ASN A 83 -12.83 -1.85 5.28
CA ASN A 83 -12.70 -0.47 4.82
C ASN A 83 -11.37 0.13 5.27
N ASP A 84 -10.30 -0.64 5.08
CA ASP A 84 -8.96 -0.20 5.49
C ASP A 84 -8.33 0.68 4.39
N ILE A 85 -8.81 1.92 4.30
CA ILE A 85 -8.37 2.88 3.29
C ILE A 85 -8.42 4.27 3.92
N MET A 86 -7.43 5.06 3.53
CA MET A 86 -7.27 6.44 3.97
C MET A 86 -6.78 7.26 2.80
N LEU A 87 -7.25 8.50 2.72
CA LEU A 87 -6.72 9.48 1.78
C LEU A 87 -5.93 10.54 2.54
N ILE A 88 -4.75 10.87 2.02
CA ILE A 88 -3.92 11.93 2.58
C ILE A 88 -3.83 13.03 1.54
N LYS A 89 -4.18 14.25 1.93
CA LYS A 89 -3.94 15.42 1.11
C LYS A 89 -2.62 16.03 1.49
N LEU A 90 -1.84 16.38 0.48
CA LEU A 90 -0.55 17.02 0.69
C LEU A 90 -0.72 18.51 0.88
N LYS A 91 0.08 19.10 1.76
CA LYS A 91 -0.02 20.53 2.04
C LYS A 91 0.18 21.36 0.79
N SER A 92 1.07 20.93 -0.09
CA SER A 92 1.28 21.55 -1.39
C SER A 92 1.39 20.44 -2.41
N ALA A 93 1.10 20.75 -3.67
CA ALA A 93 1.14 19.73 -4.70
C ALA A 93 2.58 19.29 -4.96
N ALA A 94 2.76 18.00 -5.12
CA ALA A 94 4.05 17.47 -5.54
C ALA A 94 4.34 17.92 -6.95
N SER A 95 5.61 18.10 -7.25
CA SER A 95 6.05 18.36 -8.62
CA SER A 95 6.06 18.35 -8.62
C SER A 95 6.20 17.01 -9.32
N LEU A 96 5.39 16.77 -10.36
CA LEU A 96 5.40 15.48 -11.02
C LEU A 96 6.50 15.43 -12.06
N ASN A 97 7.19 14.29 -12.13
CA ASN A 97 8.29 14.09 -13.05
C ASN A 97 8.45 12.58 -13.26
N SER A 98 9.52 12.17 -13.93
CA SER A 98 9.66 10.74 -14.23
C SER A 98 9.78 9.89 -12.98
N ARG A 99 10.21 10.49 -11.86
CA ARG A 99 10.47 9.78 -10.62
C ARG A 99 9.36 9.99 -9.59
N VAL A 100 8.41 10.87 -9.87
CA VAL A 100 7.31 11.16 -8.97
C VAL A 100 6.08 11.26 -9.87
N ALA A 101 5.25 10.23 -9.83
CA ALA A 101 4.17 10.11 -10.81
C ALA A 101 2.99 9.44 -10.16
N SER A 102 1.80 9.79 -10.61
CA SER A 102 0.61 9.19 -10.06
CA SER A 102 0.59 9.19 -10.08
C SER A 102 0.34 7.83 -10.70
N ILE A 103 -0.41 7.00 -9.99
CA ILE A 103 -0.91 5.73 -10.48
C ILE A 103 -2.41 5.82 -10.69
N SER A 104 -2.89 5.27 -11.80
CA SER A 104 -4.32 5.33 -12.12
CA SER A 104 -4.32 5.33 -12.12
C SER A 104 -5.14 4.46 -11.17
N LEU A 105 -6.34 4.95 -10.85
CA LEU A 105 -7.32 4.12 -10.16
C LEU A 105 -7.97 3.14 -11.13
N PRO A 106 -8.47 2.02 -10.64
CA PRO A 106 -9.12 1.06 -11.54
C PRO A 106 -10.44 1.58 -12.06
N THR A 107 -10.79 1.10 -13.24
CA THR A 107 -12.13 1.25 -13.76
C THR A 107 -12.96 -0.01 -13.58
N SER A 108 -12.32 -1.15 -13.35
CA SER A 108 -13.01 -2.36 -12.94
C SER A 108 -12.08 -3.15 -12.04
N CYS A 109 -12.67 -4.06 -11.28
CA CYS A 109 -11.94 -4.90 -10.37
C CYS A 109 -11.11 -5.91 -11.17
N ALA A 110 -10.09 -6.47 -10.53
CA ALA A 110 -9.22 -7.46 -11.13
C ALA A 110 -9.70 -8.87 -10.81
N SER A 111 -9.46 -9.79 -11.74
CA SER A 111 -9.84 -11.19 -11.61
C SER A 111 -8.76 -12.00 -10.89
N ALA A 112 -9.18 -13.11 -10.30
CA ALA A 112 -8.22 -14.06 -9.74
C ALA A 112 -7.20 -14.45 -10.78
N GLY A 113 -5.96 -14.57 -10.34
CA GLY A 113 -4.84 -14.91 -11.19
C GLY A 113 -4.17 -13.74 -11.85
N THR A 114 -4.73 -12.54 -11.77
CA THR A 114 -4.05 -11.36 -12.30
C THR A 114 -2.74 -11.15 -11.55
N GLN A 115 -1.67 -10.93 -12.28
CA GLN A 115 -0.37 -10.66 -11.68
C GLN A 115 -0.21 -9.17 -11.39
N CYS A 116 0.33 -8.88 -10.22
CA CYS A 116 0.45 -7.53 -9.73
C CYS A 116 1.84 -7.30 -9.17
N LEU A 117 2.17 -6.03 -8.95
CA LEU A 117 3.43 -5.61 -8.34
C LEU A 117 3.13 -4.99 -6.99
N ILE A 118 3.71 -5.57 -5.95
CA ILE A 118 3.59 -5.09 -4.58
C ILE A 118 4.95 -4.57 -4.14
N SER A 119 4.99 -3.43 -3.47
CA SER A 119 6.27 -2.81 -3.17
C SER A 119 6.24 -2.15 -1.79
N GLY A 120 7.44 -1.96 -1.22
CA GLY A 120 7.54 -1.26 0.05
C GLY A 120 8.91 -1.43 0.69
N TRP A 121 9.04 -0.73 1.83
CA TRP A 121 10.25 -0.73 2.66
C TRP A 121 10.06 -1.54 3.93
N GLY A 122 9.11 -2.47 3.93
CA GLY A 122 8.88 -3.30 5.10
C GLY A 122 9.91 -4.39 5.30
N ASN A 123 9.73 -5.10 6.41
CA ASN A 123 10.58 -6.19 6.81
C ASN A 123 10.75 -7.19 5.67
N THR A 124 11.98 -7.65 5.49
CA THR A 124 12.32 -8.62 4.46
C THR A 124 12.50 -10.03 5.00
N LYS A 125 12.24 -10.24 6.29
CA LYS A 125 12.37 -11.56 6.89
C LYS A 125 11.03 -12.07 7.39
N SER A 126 10.79 -13.38 7.18
CA SER A 126 9.59 -14.03 7.69
C SER A 126 9.73 -14.43 9.14
N SER A 127 10.96 -14.50 9.64
CA SER A 127 11.25 -14.74 11.04
C SER A 127 12.33 -13.75 11.44
N GLY A 128 12.07 -12.95 12.46
CA GLY A 128 12.97 -11.87 12.80
C GLY A 128 12.68 -10.63 11.97
N THR A 129 13.61 -9.69 12.02
CA THR A 129 13.40 -8.41 11.35
C THR A 129 14.67 -7.93 10.64
N SER A 130 14.49 -7.44 9.42
CA SER A 130 15.52 -6.70 8.70
C SER A 130 14.81 -5.69 7.84
N TYR A 131 15.11 -4.43 8.03
CA TYR A 131 14.46 -3.37 7.28
C TYR A 131 15.42 -2.88 6.21
N PRO A 132 14.98 -2.85 4.96
CA PRO A 132 15.87 -2.49 3.86
C PRO A 132 16.04 -0.99 3.75
N ASP A 133 17.19 -0.58 3.20
CA ASP A 133 17.37 0.82 2.86
C ASP A 133 16.58 1.19 1.61
N VAL A 134 16.60 0.31 0.60
CA VAL A 134 16.02 0.62 -0.70
C VAL A 134 14.70 -0.11 -0.90
N LEU A 135 13.95 0.37 -1.90
CA LEU A 135 12.60 -0.13 -2.13
C LEU A 135 12.64 -1.55 -2.69
N LYS A 136 11.79 -2.42 -2.15
CA LYS A 136 11.69 -3.80 -2.57
C LYS A 136 10.35 -4.03 -3.28
N CYS A 137 10.39 -5.00 -4.17
CA CYS A 137 9.31 -5.32 -5.09
C CYS A 137 9.02 -6.82 -5.07
N LEU A 138 7.76 -7.15 -5.32
CA LEU A 138 7.30 -8.54 -5.39
C LEU A 138 6.23 -8.65 -6.45
N LYS A 139 6.41 -9.56 -7.39
CA LYS A 139 5.35 -9.93 -8.31
C LYS A 139 4.47 -10.99 -7.65
N ALA A 140 3.16 -10.78 -7.62
CA ALA A 140 2.24 -11.66 -6.89
C ALA A 140 0.89 -11.69 -7.58
N PRO A 141 0.25 -12.86 -7.62
CA PRO A 141 -1.09 -12.96 -8.20
C PRO A 141 -2.19 -12.77 -7.15
N ILE A 142 -3.33 -12.29 -7.64
CA ILE A 142 -4.55 -12.27 -6.84
C ILE A 142 -5.09 -13.69 -6.75
N LEU A 143 -5.45 -14.10 -5.55
CA LEU A 143 -5.97 -15.45 -5.35
C LEU A 143 -7.49 -15.48 -5.52
N SER A 144 -8.01 -16.67 -5.73
CA SER A 144 -9.46 -16.83 -5.84
C SER A 144 -10.15 -16.52 -4.52
N ASP A 145 -11.44 -16.18 -4.63
CA ASP A 145 -12.23 -15.90 -3.43
C ASP A 145 -12.28 -17.12 -2.52
N SER A 146 -12.42 -18.31 -3.11
CA SER A 146 -12.52 -19.51 -2.30
C SER A 146 -11.21 -19.79 -1.61
N SER A 147 -10.08 -19.62 -2.29
CA SER A 147 -8.80 -19.83 -1.62
CA SER A 147 -8.79 -19.81 -1.64
C SER A 147 -8.59 -18.83 -0.50
N CYS A 148 -8.95 -17.57 -0.74
CA CYS A 148 -8.77 -16.55 0.29
C CYS A 148 -9.62 -16.85 1.52
N LYS A 149 -10.89 -17.23 1.33
CA LYS A 149 -11.74 -17.58 2.45
C LYS A 149 -11.28 -18.84 3.17
N SER A 150 -10.73 -19.81 2.44
CA SER A 150 -10.19 -21.00 3.11
C SER A 150 -8.98 -20.65 3.96
N ALA A 151 -8.17 -19.70 3.51
CA ALA A 151 -7.01 -19.32 4.30
C ALA A 151 -7.40 -18.56 5.56
N TYR A 152 -8.46 -17.75 5.51
CA TYR A 152 -8.83 -16.86 6.61
C TYR A 152 -10.33 -16.96 6.82
N PRO A 153 -10.80 -18.10 7.28
CA PRO A 153 -12.25 -18.29 7.39
C PRO A 153 -12.90 -17.25 8.29
N GLY A 154 -14.02 -16.70 7.83
CA GLY A 154 -14.78 -15.72 8.56
C GLY A 154 -14.19 -14.32 8.61
N GLN A 155 -13.04 -14.08 7.98
CA GLN A 155 -12.33 -12.82 8.14
C GLN A 155 -12.24 -11.98 6.89
N ILE A 156 -12.63 -12.50 5.73
CA ILE A 156 -12.46 -11.79 4.47
C ILE A 156 -13.79 -11.16 4.09
N THR A 157 -13.82 -9.85 3.99
CA THR A 157 -15.00 -9.16 3.52
C THR A 157 -14.91 -8.92 2.02
N SER A 158 -16.01 -8.40 1.45
CA SER A 158 -16.05 -8.05 0.05
C SER A 158 -15.09 -6.92 -0.28
N ASN A 159 -14.53 -6.24 0.72
CA ASN A 159 -13.59 -5.13 0.53
C ASN A 159 -12.14 -5.57 0.70
N MET A 160 -11.89 -6.87 0.64
CA MET A 160 -10.55 -7.43 0.78
C MET A 160 -10.31 -8.45 -0.32
N PHE A 161 -9.04 -8.67 -0.64
CA PHE A 161 -8.64 -9.81 -1.45
C PHE A 161 -7.30 -10.31 -0.96
N CYS A 162 -7.02 -11.58 -1.27
CA CYS A 162 -5.74 -12.18 -0.98
C CYS A 162 -4.87 -12.11 -2.22
N ALA A 163 -3.58 -11.95 -2.02
CA ALA A 163 -2.64 -12.02 -3.13
C ALA A 163 -1.34 -12.58 -2.59
N GLY A 164 -0.59 -13.21 -3.48
CA GLY A 164 0.64 -13.85 -3.07
C GLY A 164 0.63 -15.33 -3.30
N TYR A 165 1.10 -16.04 -2.28
CA TYR A 165 1.54 -17.41 -2.43
C TYR A 165 1.07 -18.18 -1.21
N LEU A 166 0.90 -19.48 -1.41
CA LEU A 166 0.53 -20.39 -0.35
C LEU A 166 1.69 -21.28 0.06
N GLU A 167 2.75 -21.35 -0.74
CA GLU A 167 3.88 -22.22 -0.46
C GLU A 167 4.89 -21.57 0.49
N GLY A 168 4.67 -20.33 0.92
CA GLY A 168 5.58 -19.62 1.81
C GLY A 168 6.71 -18.94 1.07
N GLY A 169 7.29 -17.93 1.73
CA GLY A 169 8.52 -17.31 1.29
C GLY A 169 8.39 -16.00 0.56
N LYS A 170 7.18 -15.58 0.17
CA LYS A 170 6.98 -14.39 -0.66
C LYS A 170 5.75 -13.64 -0.19
N ASP A 171 5.92 -12.42 0.32
CA ASP A 171 4.76 -11.69 0.87
C ASP A 171 5.16 -10.25 1.15
N SER A 172 4.15 -9.42 1.42
CA SER A 172 4.38 -8.15 2.10
C SER A 172 4.47 -8.39 3.60
N CYS A 173 5.00 -7.40 4.33
CA CYS A 173 5.27 -7.57 5.75
C CYS A 173 5.23 -6.22 6.47
N GLN A 174 5.53 -6.24 7.78
CA GLN A 174 5.42 -5.02 8.59
C GLN A 174 6.29 -3.92 7.99
N GLY A 175 5.69 -2.75 7.83
CA GLY A 175 6.30 -1.61 7.17
C GLY A 175 5.83 -1.42 5.72
N ASP A 176 5.20 -2.43 5.14
CA ASP A 176 4.62 -2.33 3.80
C ASP A 176 3.20 -1.79 3.80
N SER A 177 2.50 -1.83 4.94
CA SER A 177 1.11 -1.40 5.03
C SER A 177 0.89 -0.07 4.33
N GLY A 178 -0.25 0.04 3.66
CA GLY A 178 -0.61 1.26 3.01
C GLY A 178 -0.08 1.37 1.62
N GLY A 179 0.90 0.57 1.27
CA GLY A 179 1.49 0.67 -0.04
C GLY A 179 0.70 -0.06 -1.11
N PRO A 180 1.22 0.03 -2.34
CA PRO A 180 0.47 -0.38 -3.54
C PRO A 180 0.51 -1.85 -3.88
N VAL A 181 -0.61 -2.26 -4.46
CA VAL A 181 -0.73 -3.47 -5.28
C VAL A 181 -1.21 -2.99 -6.64
N VAL A 182 -0.33 -3.03 -7.64
CA VAL A 182 -0.64 -2.48 -8.95
C VAL A 182 -0.69 -3.60 -9.97
N CYS A 183 -1.78 -3.64 -10.74
CA CYS A 183 -2.03 -4.72 -11.69
C CYS A 183 -2.42 -4.08 -13.00
N SER A 184 -1.65 -4.34 -14.04
CA SER A 184 -1.95 -3.79 -15.36
C SER A 184 -2.11 -2.27 -15.29
N GLY A 185 -1.22 -1.62 -14.55
CA GLY A 185 -1.20 -0.18 -14.51
C GLY A 185 -2.27 0.46 -13.65
N LYS A 186 -2.99 -0.32 -12.84
CA LYS A 186 -4.07 0.20 -12.00
C LYS A 186 -3.80 -0.16 -10.54
N LEU A 187 -4.09 0.78 -9.65
CA LEU A 187 -3.99 0.53 -8.19
C LEU A 187 -5.19 -0.31 -7.76
N GLN A 188 -5.00 -1.61 -7.63
CA GLN A 188 -6.07 -2.50 -7.21
C GLN A 188 -6.04 -2.82 -5.73
N GLY A 189 -4.91 -2.68 -5.04
CA GLY A 189 -4.85 -3.06 -3.65
C GLY A 189 -4.03 -2.11 -2.81
N ILE A 190 -4.31 -2.19 -1.50
CA ILE A 190 -3.54 -1.53 -0.44
C ILE A 190 -3.07 -2.61 0.52
N VAL A 191 -1.76 -2.63 0.83
CA VAL A 191 -1.26 -3.60 1.80
C VAL A 191 -1.98 -3.37 3.12
N SER A 192 -2.59 -4.43 3.66
CA SER A 192 -3.43 -4.32 4.86
C SER A 192 -2.97 -5.27 5.96
N TRP A 193 -3.14 -6.59 5.83
CA TRP A 193 -2.89 -7.46 6.97
C TRP A 193 -2.58 -8.88 6.50
N GLY A 194 -2.22 -9.72 7.45
CA GLY A 194 -2.09 -11.15 7.20
C GLY A 194 -1.66 -11.83 8.46
N SER A 195 -1.63 -13.15 8.45
CA SER A 195 -1.14 -13.91 9.60
CA SER A 195 -1.15 -13.91 9.60
C SER A 195 0.36 -14.07 9.45
N GLY A 196 1.12 -13.26 10.18
CA GLY A 196 2.55 -13.24 9.97
C GLY A 196 2.89 -12.74 8.56
N CYS A 197 4.08 -13.13 8.10
CA CYS A 197 4.53 -12.78 6.76
C CYS A 197 5.13 -14.00 6.10
N ALA A 198 4.72 -14.27 4.86
CA ALA A 198 5.35 -15.30 4.04
C ALA A 198 5.21 -16.70 4.65
N GLN A 199 4.19 -16.89 5.48
CA GLN A 199 3.92 -18.20 6.06
C GLN A 199 3.11 -19.07 5.12
N LYS A 200 3.40 -20.36 5.16
CA LYS A 200 2.68 -21.31 4.34
C LYS A 200 1.18 -21.20 4.62
N ASN A 201 0.39 -21.21 3.54
CA ASN A 201 -1.06 -21.22 3.59
C ASN A 201 -1.67 -19.94 4.12
N LYS A 202 -0.89 -18.87 4.29
CA LYS A 202 -1.38 -17.63 4.86
C LYS A 202 -0.92 -16.48 3.96
N PRO A 203 -1.66 -16.22 2.89
CA PRO A 203 -1.26 -15.16 1.95
C PRO A 203 -1.55 -13.78 2.53
N GLY A 204 -1.02 -12.75 1.88
CA GLY A 204 -1.34 -11.41 2.31
C GLY A 204 -2.76 -11.03 1.93
N VAL A 205 -3.33 -10.13 2.75
CA VAL A 205 -4.66 -9.59 2.55
C VAL A 205 -4.54 -8.09 2.26
N TYR A 206 -5.37 -7.61 1.34
CA TYR A 206 -5.25 -6.31 0.72
C TYR A 206 -6.62 -5.66 0.61
N THR A 207 -6.66 -4.34 0.80
CA THR A 207 -7.91 -3.60 0.60
C THR A 207 -8.21 -3.54 -0.89
N LYS A 208 -9.47 -3.80 -1.23
CA LYS A 208 -9.91 -3.91 -2.61
C LYS A 208 -10.31 -2.54 -3.14
N VAL A 209 -9.34 -1.86 -3.76
CA VAL A 209 -9.48 -0.45 -4.15
C VAL A 209 -10.63 -0.23 -5.12
N CYS A 210 -10.89 -1.18 -6.01
CA CYS A 210 -11.96 -0.95 -6.98
C CYS A 210 -13.30 -0.69 -6.32
N ASN A 211 -13.50 -1.09 -5.08
CA ASN A 211 -14.77 -0.83 -4.41
C ASN A 211 -14.89 0.60 -3.92
N TYR A 212 -13.82 1.38 -3.99
CA TYR A 212 -13.74 2.69 -3.37
C TYR A 212 -13.50 3.81 -4.35
N VAL A 213 -13.52 3.54 -5.65
CA VAL A 213 -13.15 4.58 -6.61
C VAL A 213 -14.10 5.77 -6.52
N SER A 214 -15.41 5.53 -6.41
CA SER A 214 -16.33 6.66 -6.33
CA SER A 214 -16.34 6.66 -6.33
C SER A 214 -16.16 7.42 -5.03
N TRP A 215 -15.92 6.71 -3.93
CA TRP A 215 -15.68 7.35 -2.65
C TRP A 215 -14.42 8.20 -2.70
N ILE A 216 -13.37 7.69 -3.31
CA ILE A 216 -12.14 8.46 -3.45
C ILE A 216 -12.40 9.73 -4.23
N LYS A 217 -13.08 9.60 -5.36
CA LYS A 217 -13.33 10.76 -6.21
C LYS A 217 -14.17 11.80 -5.49
N GLN A 218 -15.22 11.36 -4.78
CA GLN A 218 -16.07 12.31 -4.08
C GLN A 218 -15.33 12.98 -2.94
N THR A 219 -14.51 12.22 -2.22
CA THR A 219 -13.80 12.80 -1.09
C THR A 219 -12.78 13.82 -1.56
N ILE A 220 -12.08 13.51 -2.64
CA ILE A 220 -11.15 14.49 -3.19
C ILE A 220 -11.89 15.72 -3.66
N ALA A 221 -13.02 15.53 -4.35
CA ALA A 221 -13.73 16.66 -4.93
C ALA A 221 -14.24 17.62 -3.85
N SER A 222 -14.54 17.11 -2.66
CA SER A 222 -15.11 17.92 -1.60
CA SER A 222 -15.11 17.91 -1.58
C SER A 222 -14.07 18.45 -0.62
N ASN A 223 -12.78 18.18 -0.86
CA ASN A 223 -11.73 18.61 0.04
C ASN A 223 -10.59 19.33 -0.69
N CYS B 1 -3.18 -9.47 11.71
CA CYS B 1 -1.95 -8.71 12.04
C CYS B 1 -1.67 -7.68 10.96
N THR B 2 -1.84 -6.40 11.29
CA THR B 2 -1.62 -5.34 10.31
C THR B 2 -0.13 -5.20 10.03
N LYS B 3 0.18 -4.58 8.90
CA LYS B 3 1.56 -4.51 8.41
C LYS B 3 2.20 -3.12 8.51
N SER B 4 1.86 -2.33 9.53
CA SER B 4 2.58 -1.08 9.78
C SER B 4 3.76 -1.34 10.72
N ILE B 5 4.56 -0.30 10.97
CA ILE B 5 5.61 -0.33 11.99
C ILE B 5 5.06 0.19 13.33
N CYS B 6 5.12 -0.67 14.35
CA CYS B 6 4.85 -0.33 15.77
C CYS B 6 5.88 -0.95 16.73
#